data_4ZJX
#
_entry.id   4ZJX
#
_cell.length_a   50.889
_cell.length_b   66.367
_cell.length_c   64.863
_cell.angle_alpha   90.00
_cell.angle_beta   98.51
_cell.angle_gamma   90.00
#
_symmetry.space_group_name_H-M   'P 1 21 1'
#
loop_
_entity.id
_entity.type
_entity.pdbx_description
1 polymer 'Botulinum neurotoxin type A'
2 polymer 'circular peptide inhibitor'
3 non-polymer 'ZINC ION'
4 non-polymer 'SULFATE ION'
5 water water
#
loop_
_entity_poly.entity_id
_entity_poly.type
_entity_poly.pdbx_seq_one_letter_code
_entity_poly.pdbx_strand_id
1 'polypeptide(L)'
;MPFVNKQFNYKDPVNGVDIAYIKIPNVGQMQPVKAFKIHNKIWVIPERDTFTNPEEGDLNPPPEAKQVPVSYYDSTYLST
DNEKDNYLKGVTKLFERIYSTDLGRMLLTSIVRGIPFWGGSTIDTELKVIDTNCINVIQPDGSYRSEELNLVIIGPSADI
IQFECKSFGHEVLNLTRNGYGSTQYIRFSPDFTFGFEESLEVDTNPLLGAGKFATDPAVTLAHELIHAGHRLYGIAINPN
RVFKVNTNAYYEMSGLEVSFEELRTFGGHDAKFIDSLQENEFRLYYYNKFKDIASTLNKAKSIVGTTASLQYMKNVFKEK
YLLSEDTSGKFSVDKLKFDKLYKMLTEIYTEDNFVKFFKVLNRKTYLNFDKAVFKINIVPKVNYTIYDGFNLRNTNLAAN
FNGQNTEINNMNFTKLKNFTGLFELEHHHHHH
;
A
2 'polypeptide(L)' C(DAB)RWTKCL(NH2) B
#
# COMPACT_ATOMS: atom_id res chain seq x y z
N MET A 1 -2.62 -14.56 17.77
CA MET A 1 -3.85 -14.40 16.94
C MET A 1 -3.52 -13.93 15.52
N PRO A 2 -3.10 -14.84 14.59
CA PRO A 2 -2.54 -14.32 13.30
C PRO A 2 -3.46 -13.43 12.43
N PHE A 3 -2.86 -12.51 11.69
CA PHE A 3 -3.59 -11.68 10.71
C PHE A 3 -4.27 -12.50 9.58
N VAL A 4 -3.52 -13.43 9.03
CA VAL A 4 -3.98 -14.32 7.98
C VAL A 4 -4.25 -15.72 8.59
N ASN A 5 -5.51 -16.03 8.81
CA ASN A 5 -5.77 -17.18 9.65
C ASN A 5 -5.69 -18.57 8.95
N LYS A 6 -5.49 -18.59 7.63
CA LYS A 6 -5.30 -19.81 6.83
C LYS A 6 -3.97 -19.77 6.13
N GLN A 7 -3.30 -20.90 5.97
CA GLN A 7 -2.06 -20.91 5.22
C GLN A 7 -2.35 -21.40 3.80
N PHE A 8 -2.80 -20.50 2.92
CA PHE A 8 -3.16 -20.82 1.56
C PHE A 8 -2.01 -21.41 0.74
N ASN A 9 -2.35 -22.43 -0.02
CA ASN A 9 -1.55 -22.76 -1.19
C ASN A 9 -2.26 -22.24 -2.43
N TYR A 10 -1.47 -21.82 -3.40
CA TYR A 10 -2.00 -21.30 -4.68
C TYR A 10 -2.93 -22.32 -5.39
N LYS A 11 -2.61 -23.60 -5.29
CA LYS A 11 -3.38 -24.62 -6.01
C LYS A 11 -4.51 -25.17 -5.16
N ASP A 12 -4.73 -24.64 -3.94
CA ASP A 12 -5.94 -24.99 -3.15
C ASP A 12 -7.17 -24.74 -4.01
N PRO A 13 -8.13 -25.67 -4.04
CA PRO A 13 -9.30 -25.45 -4.94
C PRO A 13 -10.18 -24.20 -4.65
N VAL A 14 -10.80 -23.57 -5.67
CA VAL A 14 -11.63 -22.40 -5.39
C VAL A 14 -12.88 -22.76 -4.61
N ASN A 15 -13.33 -21.89 -3.75
CA ASN A 15 -14.54 -22.15 -2.99
C ASN A 15 -15.54 -20.99 -3.15
N GLY A 16 -15.26 -20.02 -4.02
CA GLY A 16 -16.11 -18.83 -4.10
C GLY A 16 -16.24 -17.96 -2.86
N VAL A 17 -15.47 -18.21 -1.81
CA VAL A 17 -15.54 -17.32 -0.64
C VAL A 17 -14.25 -16.57 -0.45
N ASP A 18 -13.19 -17.29 -0.05
CA ASP A 18 -11.93 -16.67 0.20
C ASP A 18 -10.84 -17.17 -0.75
N ILE A 19 -11.19 -18.12 -1.62
CA ILE A 19 -10.35 -18.57 -2.76
C ILE A 19 -11.30 -18.53 -3.90
N ALA A 20 -11.14 -17.55 -4.80
CA ALA A 20 -12.10 -17.31 -5.86
C ALA A 20 -11.52 -16.74 -7.16
N TYR A 21 -12.25 -16.96 -8.27
CA TYR A 21 -11.95 -16.29 -9.54
C TYR A 21 -12.73 -15.01 -9.46
N ILE A 22 -12.04 -13.88 -9.66
CA ILE A 22 -12.64 -12.58 -9.56
C ILE A 22 -12.42 -11.75 -10.79
N LYS A 23 -13.24 -10.70 -10.94
CA LYS A 23 -13.02 -9.66 -11.90
C LYS A 23 -12.96 -8.36 -11.15
N ILE A 24 -12.11 -7.44 -11.65
CA ILE A 24 -11.99 -6.13 -11.09
C ILE A 24 -12.70 -5.10 -12.01
N PRO A 25 -13.25 -4.03 -11.42
CA PRO A 25 -14.00 -3.01 -12.17
C PRO A 25 -13.07 -2.00 -12.85
N ASN A 26 -12.29 -2.46 -13.80
CA ASN A 26 -11.44 -1.58 -14.60
C ASN A 26 -12.18 -0.75 -15.67
N VAL A 27 -13.48 -1.02 -15.90
CA VAL A 27 -14.26 -0.42 -17.04
C VAL A 27 -13.92 -0.99 -18.44
N GLY A 28 -13.26 -2.16 -18.46
CA GLY A 28 -13.04 -2.97 -19.67
C GLY A 28 -13.13 -4.46 -19.35
N GLN A 29 -12.67 -5.32 -20.26
CA GLN A 29 -12.89 -6.78 -20.12
C GLN A 29 -11.58 -7.50 -19.71
N MET A 30 -11.72 -8.69 -19.09
CA MET A 30 -10.61 -9.48 -18.61
C MET A 30 -11.09 -10.91 -18.32
N GLN A 31 -10.24 -11.90 -18.50
CA GLN A 31 -10.49 -13.22 -17.95
C GLN A 31 -10.39 -13.16 -16.44
N PRO A 32 -11.26 -13.90 -15.74
CA PRO A 32 -11.18 -13.93 -14.27
C PRO A 32 -9.80 -14.31 -13.82
N VAL A 33 -9.37 -13.79 -12.67
CA VAL A 33 -8.11 -14.25 -12.09
C VAL A 33 -8.32 -14.86 -10.75
N LYS A 34 -7.46 -15.82 -10.42
CA LYS A 34 -7.52 -16.50 -9.12
C LYS A 34 -6.99 -15.52 -8.01
N ALA A 35 -7.82 -15.27 -6.97
CA ALA A 35 -7.55 -14.41 -5.81
C ALA A 35 -7.87 -15.07 -4.49
N PHE A 36 -7.24 -14.52 -3.44
CA PHE A 36 -7.24 -15.09 -2.14
C PHE A 36 -7.54 -14.00 -1.13
N LYS A 37 -8.57 -14.23 -0.33
CA LYS A 37 -8.97 -13.22 0.65
C LYS A 37 -8.26 -13.55 1.95
N ILE A 38 -7.29 -12.74 2.37
CA ILE A 38 -6.39 -13.11 3.47
C ILE A 38 -6.87 -12.53 4.79
N HIS A 39 -7.77 -11.55 4.72
CA HIS A 39 -8.35 -10.99 5.91
C HIS A 39 -9.60 -10.25 5.51
N ASN A 40 -10.51 -10.03 6.46
CA ASN A 40 -11.65 -9.15 6.15
C ASN A 40 -11.15 -7.91 5.37
N LYS A 41 -11.75 -7.68 4.22
CA LYS A 41 -11.57 -6.48 3.33
C LYS A 41 -10.27 -6.45 2.51
N ILE A 42 -9.47 -7.50 2.57
CA ILE A 42 -8.12 -7.51 1.97
C ILE A 42 -7.93 -8.74 1.10
N TRP A 43 -7.69 -8.50 -0.19
CA TRP A 43 -7.43 -9.62 -1.11
C TRP A 43 -6.03 -9.56 -1.71
N VAL A 44 -5.53 -10.74 -2.12
CA VAL A 44 -4.22 -10.88 -2.76
C VAL A 44 -4.45 -11.54 -4.13
N ILE A 45 -3.99 -10.88 -5.20
CA ILE A 45 -4.05 -11.42 -6.56
C ILE A 45 -2.58 -11.68 -7.02
N PRO A 46 -2.13 -12.97 -7.04
CA PRO A 46 -0.74 -13.27 -7.49
C PRO A 46 -0.56 -13.26 -8.96
N GLU A 47 -0.84 -12.12 -9.59
CA GLU A 47 -0.74 -12.01 -11.01
C GLU A 47 0.02 -10.73 -11.28
N ARG A 48 0.67 -10.66 -12.40
CA ARG A 48 1.27 -9.44 -12.81
C ARG A 48 0.10 -8.52 -13.09
N ASP A 49 0.17 -7.28 -12.66
CA ASP A 49 -0.97 -6.34 -12.89
C ASP A 49 -0.98 -5.81 -14.32
N THR A 50 -1.61 -6.59 -15.17
CA THR A 50 -2.03 -6.05 -16.46
C THR A 50 -3.50 -5.60 -16.51
N PHE A 51 -4.16 -5.37 -15.36
CA PHE A 51 -5.60 -5.10 -15.32
C PHE A 51 -6.01 -3.70 -14.86
N THR A 52 -5.30 -3.11 -13.91
CA THR A 52 -5.73 -1.79 -13.45
C THR A 52 -5.59 -0.66 -14.46
N ASN A 53 -4.66 -0.79 -15.38
CA ASN A 53 -4.43 0.25 -16.35
C ASN A 53 -4.43 -0.41 -17.72
N PRO A 54 -5.40 -0.03 -18.57
CA PRO A 54 -5.60 -0.79 -19.83
C PRO A 54 -4.41 -0.59 -20.79
N GLU A 55 -3.73 0.56 -20.66
CA GLU A 55 -2.53 0.91 -21.41
C GLU A 55 -1.20 0.35 -20.83
N GLU A 56 -1.26 -0.38 -19.72
CA GLU A 56 -0.10 -1.12 -19.21
C GLU A 56 -0.51 -2.59 -19.21
N GLY A 57 -0.86 -3.09 -20.41
CA GLY A 57 -1.14 -4.52 -20.61
C GLY A 57 0.06 -5.40 -21.01
N ASP A 58 1.22 -4.81 -21.20
CA ASP A 58 2.33 -5.53 -21.87
C ASP A 58 3.52 -5.65 -20.94
N LEU A 59 3.97 -6.87 -20.69
CA LEU A 59 5.06 -7.09 -19.75
C LEU A 59 6.47 -6.90 -20.38
N ASN A 60 6.52 -6.62 -21.67
CA ASN A 60 7.81 -6.30 -22.30
C ASN A 60 8.19 -4.82 -22.14
N PRO A 61 9.50 -4.53 -22.20
CA PRO A 61 10.02 -3.15 -21.96
C PRO A 61 9.63 -2.10 -23.03
N PRO A 62 9.89 -0.79 -22.74
CA PRO A 62 10.23 0.11 -23.85
C PRO A 62 11.65 -0.27 -24.28
N PRO A 63 11.96 -0.17 -25.59
CA PRO A 63 13.15 -0.85 -26.18
C PRO A 63 14.48 -0.71 -25.40
N GLU A 64 15.38 -1.67 -25.58
CA GLU A 64 16.61 -1.81 -24.80
C GLU A 64 17.24 -0.54 -24.27
N ALA A 65 17.27 0.53 -25.07
CA ALA A 65 17.84 1.80 -24.65
C ALA A 65 16.74 2.82 -24.66
N LYS A 66 15.56 2.42 -24.19
CA LYS A 66 14.45 3.34 -23.96
C LYS A 66 14.24 3.66 -22.45
N GLN A 67 14.85 2.91 -21.50
CA GLN A 67 14.35 2.78 -20.14
C GLN A 67 15.00 3.47 -18.90
N VAL A 68 14.14 3.82 -17.94
CA VAL A 68 14.51 4.51 -16.73
C VAL A 68 15.56 3.79 -15.94
N PRO A 69 16.41 4.61 -15.20
CA PRO A 69 17.51 3.90 -14.53
C PRO A 69 17.14 2.91 -13.42
N VAL A 70 16.34 3.35 -12.55
CA VAL A 70 15.94 2.46 -11.49
C VAL A 70 14.67 1.72 -12.01
N SER A 71 14.88 0.63 -12.74
CA SER A 71 13.85 -0.18 -13.35
C SER A 71 14.37 -1.60 -13.59
N TYR A 72 13.45 -2.57 -13.67
CA TYR A 72 13.84 -3.99 -13.91
C TYR A 72 12.66 -4.68 -14.55
N TYR A 73 12.96 -5.27 -15.70
CA TYR A 73 12.02 -5.96 -16.50
C TYR A 73 12.35 -7.46 -16.55
N ASP A 74 11.32 -8.27 -16.38
CA ASP A 74 11.42 -9.70 -16.67
C ASP A 74 9.99 -10.22 -16.96
N SER A 75 9.67 -10.32 -18.22
CA SER A 75 8.27 -10.64 -18.59
C SER A 75 7.85 -12.00 -18.10
N THR A 76 8.76 -12.88 -17.66
CA THR A 76 8.35 -14.20 -17.20
C THR A 76 8.12 -14.20 -15.72
N TYR A 77 8.52 -13.16 -14.98
CA TYR A 77 8.30 -13.23 -13.55
C TYR A 77 6.77 -13.37 -13.27
N LEU A 78 6.47 -14.33 -12.42
CA LEU A 78 5.15 -14.54 -11.85
C LEU A 78 4.19 -15.07 -12.87
N SER A 79 4.74 -15.93 -13.72
CA SER A 79 3.92 -16.59 -14.74
C SER A 79 3.64 -18.02 -14.36
N THR A 80 4.34 -18.62 -13.39
CA THR A 80 4.12 -20.03 -13.14
C THR A 80 3.44 -20.19 -11.79
N ASP A 81 2.85 -21.36 -11.61
CA ASP A 81 2.18 -21.74 -10.35
C ASP A 81 3.06 -21.80 -9.14
N ASN A 82 4.31 -22.25 -9.29
CA ASN A 82 5.23 -22.21 -8.14
C ASN A 82 5.56 -20.79 -7.77
N GLU A 83 5.67 -19.87 -8.73
CA GLU A 83 6.03 -18.52 -8.33
C GLU A 83 4.85 -17.81 -7.69
N LYS A 84 3.67 -18.21 -8.03
CA LYS A 84 2.46 -17.63 -7.48
C LYS A 84 2.21 -18.12 -6.08
N ASP A 85 2.54 -19.39 -5.86
CA ASP A 85 2.48 -20.01 -4.51
C ASP A 85 3.42 -19.28 -3.55
N ASN A 86 4.66 -19.18 -3.98
CA ASN A 86 5.63 -18.45 -3.29
C ASN A 86 5.37 -16.96 -3.09
N TYR A 87 4.72 -16.31 -4.05
CA TYR A 87 4.34 -14.90 -3.92
C TYR A 87 3.29 -14.80 -2.84
N LEU A 88 2.31 -15.67 -2.92
CA LEU A 88 1.27 -15.69 -1.90
C LEU A 88 1.79 -15.91 -0.47
N LYS A 89 2.71 -16.85 -0.30
CA LYS A 89 3.30 -17.08 0.99
C LYS A 89 4.17 -15.93 1.47
N GLY A 90 4.83 -15.26 0.53
CA GLY A 90 5.77 -14.18 0.86
C GLY A 90 4.96 -13.00 1.34
N VAL A 91 3.92 -12.64 0.57
CA VAL A 91 3.06 -11.55 0.98
C VAL A 91 2.37 -11.80 2.36
N THR A 92 1.82 -12.99 2.56
CA THR A 92 1.25 -13.35 3.85
C THR A 92 2.19 -13.17 5.01
N LYS A 93 3.39 -13.64 4.83
CA LYS A 93 4.45 -13.54 5.80
C LYS A 93 4.80 -12.09 6.16
N LEU A 94 4.78 -11.19 5.16
CA LEU A 94 4.98 -9.76 5.42
C LEU A 94 3.79 -9.10 6.14
N PHE A 95 2.57 -9.45 5.82
CA PHE A 95 1.45 -9.01 6.65
C PHE A 95 1.61 -9.52 8.09
N GLU A 96 2.06 -10.76 8.25
CA GLU A 96 2.18 -11.20 9.64
C GLU A 96 3.27 -10.45 10.34
N ARG A 97 4.41 -10.19 9.69
CA ARG A 97 5.49 -9.44 10.34
C ARG A 97 4.97 -8.07 10.73
N ILE A 98 4.26 -7.42 9.82
CA ILE A 98 3.73 -6.08 10.13
C ILE A 98 2.77 -6.13 11.29
N TYR A 99 1.81 -7.05 11.21
CA TYR A 99 0.82 -7.22 12.23
C TYR A 99 1.39 -7.57 13.64
N SER A 100 2.54 -8.24 13.65
CA SER A 100 3.24 -8.58 14.89
C SER A 100 3.83 -7.40 15.65
N THR A 101 3.84 -6.20 15.04
CA THR A 101 4.30 -5.01 15.74
C THR A 101 3.05 -4.32 16.24
N ASP A 102 3.14 -3.56 17.31
CA ASP A 102 1.95 -2.78 17.72
C ASP A 102 1.61 -1.69 16.64
N LEU A 103 2.64 -1.11 16.04
CA LEU A 103 2.34 -0.03 15.00
C LEU A 103 1.63 -0.67 13.86
N GLY A 104 2.10 -1.85 13.46
CA GLY A 104 1.48 -2.53 12.33
C GLY A 104 0.08 -2.98 12.65
N ARG A 105 -0.11 -3.52 13.85
CA ARG A 105 -1.49 -3.84 14.27
C ARG A 105 -2.44 -2.59 14.16
N MET A 106 -1.93 -1.42 14.54
CA MET A 106 -2.74 -0.22 14.52
C MET A 106 -3.06 0.13 13.03
N LEU A 107 -2.05 0.10 12.18
CA LEU A 107 -2.20 0.51 10.81
C LEU A 107 -3.14 -0.43 10.09
N LEU A 108 -2.96 -1.75 10.27
CA LEU A 108 -3.85 -2.71 9.60
C LEU A 108 -5.27 -2.63 10.12
N THR A 109 -5.46 -2.43 11.42
CA THR A 109 -6.78 -2.13 11.99
C THR A 109 -7.44 -0.85 11.36
N SER A 110 -6.72 0.26 11.25
CA SER A 110 -7.22 1.46 10.59
C SER A 110 -7.50 1.17 9.11
N ILE A 111 -6.72 0.33 8.45
CA ILE A 111 -7.06 0.01 7.02
C ILE A 111 -8.37 -0.82 6.92
N VAL A 112 -8.55 -1.82 7.79
CA VAL A 112 -9.75 -2.62 7.76
C VAL A 112 -10.96 -1.77 8.12
N ARG A 113 -10.83 -0.81 9.06
CA ARG A 113 -11.95 0.08 9.42
C ARG A 113 -12.21 1.15 8.37
N GLY A 114 -11.28 1.34 7.45
CA GLY A 114 -11.34 2.41 6.45
C GLY A 114 -12.14 2.19 5.20
N ILE A 115 -13.35 1.65 5.37
CA ILE A 115 -14.25 1.31 4.28
C ILE A 115 -14.52 2.53 3.37
N PRO A 116 -14.26 2.39 2.07
CA PRO A 116 -14.56 3.55 1.17
C PRO A 116 -15.99 4.05 1.35
N PHE A 117 -16.16 5.37 1.47
CA PHE A 117 -17.51 5.97 1.66
C PHE A 117 -18.57 5.64 0.57
N TRP A 118 -19.82 5.52 1.02
CA TRP A 118 -20.94 5.20 0.17
C TRP A 118 -21.52 6.48 -0.40
N GLY A 119 -20.76 7.17 -1.26
CA GLY A 119 -21.23 8.44 -1.88
C GLY A 119 -21.52 8.28 -3.36
N GLY A 120 -21.97 7.09 -3.76
CA GLY A 120 -22.21 6.80 -5.16
C GLY A 120 -23.57 7.23 -5.68
N SER A 121 -24.48 7.55 -4.76
CA SER A 121 -25.86 7.83 -5.09
C SER A 121 -26.00 9.26 -5.54
N THR A 122 -26.78 9.46 -6.59
CA THR A 122 -27.06 10.82 -7.03
C THR A 122 -28.20 11.51 -6.26
N ILE A 123 -28.79 10.84 -5.28
CA ILE A 123 -29.86 11.42 -4.48
C ILE A 123 -29.40 11.52 -3.02
N ASP A 124 -29.31 12.75 -2.53
CA ASP A 124 -28.68 13.07 -1.24
C ASP A 124 -29.47 12.61 0.02
N THR A 125 -30.58 11.89 -0.19
CA THR A 125 -31.32 11.22 0.89
C THR A 125 -30.99 9.74 0.91
N GLU A 126 -30.17 9.32 -0.06
CA GLU A 126 -29.95 7.90 -0.32
C GLU A 126 -28.46 7.62 -0.32
N LEU A 127 -28.09 6.55 0.36
CA LEU A 127 -26.70 6.18 0.50
C LEU A 127 -26.41 5.01 -0.40
N LYS A 128 -25.44 5.17 -1.28
CA LYS A 128 -25.04 4.12 -2.19
C LYS A 128 -23.54 3.91 -2.35
N VAL A 129 -23.16 2.64 -2.41
CA VAL A 129 -21.77 2.23 -2.63
C VAL A 129 -21.35 2.66 -4.01
N ILE A 130 -20.07 2.96 -4.17
CA ILE A 130 -19.50 3.23 -5.46
C ILE A 130 -18.88 1.91 -5.93
N ASP A 131 -19.24 1.48 -7.12
CA ASP A 131 -19.04 0.09 -7.54
C ASP A 131 -17.56 -0.24 -7.86
N THR A 132 -16.78 0.79 -8.16
CA THR A 132 -15.33 0.66 -8.32
C THR A 132 -14.60 0.37 -6.98
N ASN A 133 -15.33 0.43 -5.89
CA ASN A 133 -14.84 -0.06 -4.60
C ASN A 133 -15.25 -1.48 -4.29
N CYS A 134 -15.55 -2.24 -5.34
CA CYS A 134 -15.98 -3.62 -5.25
C CYS A 134 -15.21 -4.46 -6.21
N ILE A 135 -15.22 -5.78 -5.99
CA ILE A 135 -14.82 -6.72 -7.01
C ILE A 135 -16.02 -7.58 -7.34
N ASN A 136 -15.94 -8.32 -8.44
CA ASN A 136 -16.96 -9.35 -8.78
C ASN A 136 -16.40 -10.74 -8.60
N VAL A 137 -17.02 -11.49 -7.70
CA VAL A 137 -16.49 -12.79 -7.31
C VAL A 137 -17.43 -13.87 -7.88
N ILE A 138 -16.86 -14.86 -8.56
CA ILE A 138 -17.62 -15.90 -9.14
C ILE A 138 -17.96 -16.86 -8.00
N GLN A 139 -19.23 -17.23 -7.89
CA GLN A 139 -19.69 -18.06 -6.81
C GLN A 139 -19.63 -19.50 -7.29
N PRO A 140 -19.88 -20.48 -6.40
CA PRO A 140 -19.82 -21.86 -6.88
C PRO A 140 -20.81 -22.17 -8.00
N ASP A 141 -21.96 -21.49 -8.05
CA ASP A 141 -22.93 -21.76 -9.11
C ASP A 141 -22.48 -21.11 -10.45
N GLY A 142 -21.30 -20.49 -10.46
CA GLY A 142 -20.76 -19.87 -11.65
C GLY A 142 -21.33 -18.50 -11.94
N SER A 143 -22.20 -17.97 -11.08
CA SER A 143 -22.62 -16.54 -11.20
C SER A 143 -21.71 -15.60 -10.37
N TYR A 144 -21.79 -14.28 -10.63
CA TYR A 144 -20.97 -13.22 -10.01
C TYR A 144 -21.68 -12.55 -8.84
N ARG A 145 -20.97 -12.24 -7.74
CA ARG A 145 -21.55 -11.41 -6.70
C ARG A 145 -20.56 -10.31 -6.42
N SER A 146 -21.08 -9.14 -6.02
CA SER A 146 -20.23 -7.98 -5.85
C SER A 146 -19.84 -8.00 -4.41
N GLU A 147 -18.59 -7.65 -4.15
CA GLU A 147 -18.04 -7.70 -2.83
C GLU A 147 -17.18 -6.47 -2.60
N GLU A 148 -17.54 -5.69 -1.59
CA GLU A 148 -16.76 -4.51 -1.20
C GLU A 148 -15.50 -4.98 -0.60
N LEU A 149 -14.43 -4.21 -0.76
CA LEU A 149 -13.12 -4.49 -0.22
C LEU A 149 -12.33 -3.19 -0.11
N ASN A 150 -11.33 -3.24 0.74
CA ASN A 150 -10.51 -2.05 1.01
C ASN A 150 -9.16 -2.07 0.31
N LEU A 151 -8.59 -3.26 0.18
CA LEU A 151 -7.19 -3.43 -0.27
C LEU A 151 -6.99 -4.72 -1.10
N VAL A 152 -6.28 -4.57 -2.22
CA VAL A 152 -5.77 -5.63 -3.02
C VAL A 152 -4.26 -5.44 -3.14
N ILE A 153 -3.52 -6.53 -2.90
CA ILE A 153 -2.15 -6.62 -3.22
C ILE A 153 -2.08 -7.36 -4.55
N ILE A 154 -1.39 -6.83 -5.52
CA ILE A 154 -1.24 -7.50 -6.83
C ILE A 154 0.20 -7.42 -7.24
N GLY A 155 0.66 -8.34 -8.09
CA GLY A 155 1.96 -8.18 -8.63
C GLY A 155 2.20 -6.95 -9.48
N PRO A 156 3.49 -6.61 -9.71
CA PRO A 156 3.84 -5.43 -10.54
C PRO A 156 3.46 -5.55 -11.97
N SER A 157 3.38 -4.40 -12.62
CA SER A 157 3.16 -4.34 -14.04
C SER A 157 4.49 -4.63 -14.75
N ALA A 158 4.79 -3.99 -15.91
CA ALA A 158 6.01 -4.35 -16.69
C ALA A 158 7.30 -4.11 -15.90
N ASP A 159 7.38 -2.94 -15.24
CA ASP A 159 8.48 -2.59 -14.42
C ASP A 159 8.30 -3.28 -13.06
N ILE A 160 9.14 -4.28 -12.82
CA ILE A 160 8.94 -5.16 -11.67
C ILE A 160 9.13 -4.46 -10.35
N ILE A 161 10.01 -3.47 -10.32
CA ILE A 161 10.24 -2.71 -9.08
C ILE A 161 9.50 -1.35 -9.02
N GLN A 162 8.44 -1.22 -9.75
CA GLN A 162 7.65 0.03 -9.63
C GLN A 162 6.53 -0.29 -8.69
N PHE A 163 6.75 -0.11 -7.39
CA PHE A 163 5.73 -0.48 -6.44
C PHE A 163 4.90 0.79 -6.19
N GLU A 164 3.60 0.66 -6.04
CA GLU A 164 2.76 1.83 -5.87
C GLU A 164 1.40 1.45 -5.49
N CYS A 165 0.69 2.44 -5.00
CA CYS A 165 -0.65 2.27 -4.50
C CYS A 165 -1.62 3.01 -5.49
N LYS A 166 -2.40 2.25 -6.27
CA LYS A 166 -3.38 2.79 -7.22
C LYS A 166 -4.81 2.54 -6.89
N SER A 167 -5.67 3.35 -7.51
CA SER A 167 -7.11 3.17 -7.28
C SER A 167 -7.92 3.75 -8.41
N PHE A 168 -9.12 3.24 -8.56
CA PHE A 168 -9.98 3.67 -9.63
C PHE A 168 -10.57 5.03 -9.27
N GLY A 169 -10.45 5.94 -10.23
CA GLY A 169 -11.04 7.26 -10.11
C GLY A 169 -12.55 7.26 -10.25
N HIS A 170 -13.10 8.46 -10.08
CA HIS A 170 -14.49 8.75 -10.28
C HIS A 170 -14.61 9.90 -11.30
N GLU A 171 -15.73 9.93 -12.01
CA GLU A 171 -15.94 10.92 -13.09
C GLU A 171 -15.84 12.36 -12.59
N VAL A 172 -16.43 12.63 -11.42
CA VAL A 172 -16.26 13.91 -10.73
C VAL A 172 -15.45 13.88 -9.41
N LEU A 173 -15.78 12.99 -8.50
CA LEU A 173 -15.20 13.00 -7.16
C LEU A 173 -13.69 12.70 -7.16
N ASN A 174 -12.93 13.44 -6.37
CA ASN A 174 -11.55 13.02 -6.09
C ASN A 174 -11.51 12.15 -4.83
N LEU A 175 -11.64 10.88 -5.02
CA LEU A 175 -11.94 9.95 -3.89
C LEU A 175 -10.82 9.86 -2.86
N THR A 176 -9.59 9.91 -3.29
CA THR A 176 -8.47 9.81 -2.34
C THR A 176 -8.13 11.13 -1.66
N ARG A 177 -8.85 12.22 -2.02
CA ARG A 177 -8.59 13.56 -1.48
C ARG A 177 -9.79 14.34 -1.05
N ASN A 178 -10.95 13.69 -0.97
CA ASN A 178 -12.18 14.30 -0.47
C ASN A 178 -12.75 13.69 0.75
N GLY A 179 -11.94 12.87 1.42
CA GLY A 179 -12.36 12.17 2.67
C GLY A 179 -13.08 10.86 2.47
N TYR A 180 -13.46 10.52 1.23
CA TYR A 180 -14.35 9.36 0.94
C TYR A 180 -13.56 8.05 0.99
N GLY A 181 -12.38 8.07 0.37
CA GLY A 181 -11.63 6.87 0.16
C GLY A 181 -12.14 6.03 -1.03
N SER A 182 -11.26 5.17 -1.50
CA SER A 182 -11.50 4.25 -2.59
C SER A 182 -10.68 3.00 -2.29
N THR A 183 -11.08 1.86 -2.85
CA THR A 183 -10.31 0.60 -2.74
C THR A 183 -8.90 0.75 -3.30
N GLN A 184 -7.90 0.27 -2.57
CA GLN A 184 -6.52 0.48 -3.00
C GLN A 184 -5.92 -0.79 -3.52
N TYR A 185 -5.23 -0.66 -4.63
CA TYR A 185 -4.52 -1.75 -5.32
C TYR A 185 -3.02 -1.42 -5.21
N ILE A 186 -2.29 -2.19 -4.39
CA ILE A 186 -0.89 -2.11 -4.32
C ILE A 186 -0.17 -3.07 -5.24
N ARG A 187 0.64 -2.54 -6.17
CA ARG A 187 1.57 -3.32 -6.97
C ARG A 187 2.77 -3.55 -6.09
N PHE A 188 3.18 -4.79 -5.90
CA PHE A 188 4.15 -5.09 -4.89
C PHE A 188 4.67 -6.46 -5.20
N SER A 189 5.96 -6.68 -4.93
CA SER A 189 6.60 -8.02 -4.95
C SER A 189 7.42 -8.24 -3.73
N PRO A 190 7.24 -9.41 -3.07
CA PRO A 190 8.12 -9.82 -1.99
C PRO A 190 9.35 -10.56 -2.49
N ASP A 191 9.54 -10.62 -3.81
CA ASP A 191 10.63 -11.45 -4.43
C ASP A 191 11.89 -10.71 -4.82
N PHE A 192 11.90 -9.41 -4.56
CA PHE A 192 12.98 -8.50 -4.89
C PHE A 192 13.08 -7.50 -3.74
N THR A 193 14.26 -6.94 -3.58
CA THR A 193 14.35 -5.77 -2.73
C THR A 193 15.50 -4.86 -3.18
N PHE A 194 15.66 -3.70 -2.52
CA PHE A 194 16.56 -2.63 -3.00
C PHE A 194 17.78 -2.61 -2.15
N GLY A 195 18.90 -2.25 -2.74
CA GLY A 195 20.13 -2.10 -2.04
C GLY A 195 20.34 -0.66 -1.68
N PHE A 196 20.83 -0.42 -0.46
CA PHE A 196 21.21 0.94 -0.03
C PHE A 196 22.53 0.93 0.74
N GLU A 197 22.96 2.13 1.10
CA GLU A 197 24.25 2.33 1.81
C GLU A 197 24.07 2.94 3.20
N GLU A 198 24.89 2.43 4.08
CA GLU A 198 24.86 2.70 5.48
C GLU A 198 25.40 4.09 5.81
N SER A 199 26.26 4.68 4.97
CA SER A 199 26.67 6.09 5.13
C SER A 199 25.71 7.09 4.39
N LEU A 200 25.24 8.07 5.13
CA LEU A 200 24.28 9.00 4.61
C LEU A 200 24.84 9.77 3.40
N GLU A 201 26.07 10.29 3.51
CA GLU A 201 26.74 10.99 2.41
C GLU A 201 26.85 10.11 1.21
N VAL A 202 27.09 8.79 1.41
CA VAL A 202 27.06 7.86 0.25
C VAL A 202 25.67 7.59 -0.29
N ASP A 203 24.71 7.31 0.58
CA ASP A 203 23.38 6.89 0.15
C ASP A 203 22.70 8.01 -0.69
N THR A 204 23.03 9.27 -0.39
CA THR A 204 22.38 10.44 -1.07
C THR A 204 23.20 10.90 -2.27
N ASN A 205 24.28 10.17 -2.57
CA ASN A 205 25.12 10.51 -3.71
C ASN A 205 24.87 9.59 -4.90
N PRO A 206 24.59 10.20 -6.08
CA PRO A 206 24.22 9.34 -7.20
C PRO A 206 25.34 8.55 -7.78
N LEU A 207 26.59 8.95 -7.54
CA LEU A 207 27.72 8.31 -8.21
C LEU A 207 28.40 7.22 -7.30
N LEU A 208 27.94 7.03 -6.06
CA LEU A 208 28.70 6.11 -5.10
C LEU A 208 27.89 5.01 -4.50
N GLY A 209 28.55 3.91 -4.15
CA GLY A 209 27.92 2.76 -3.52
C GLY A 209 27.36 1.70 -4.46
N ALA A 210 27.53 0.44 -4.05
CA ALA A 210 26.97 -0.70 -4.77
C ALA A 210 25.75 -1.25 -4.11
N GLY A 211 25.37 -0.74 -2.95
CA GLY A 211 24.14 -1.19 -2.29
C GLY A 211 24.48 -2.38 -1.38
N LYS A 212 25.30 -2.15 -0.35
CA LYS A 212 25.77 -3.18 0.56
C LYS A 212 24.64 -3.77 1.41
N PHE A 213 23.65 -2.95 1.80
CA PHE A 213 22.57 -3.45 2.68
C PHE A 213 21.29 -3.60 1.92
N ALA A 214 20.56 -4.63 2.28
CA ALA A 214 19.24 -4.81 1.65
C ALA A 214 18.07 -4.31 2.54
N THR A 215 17.16 -3.51 1.94
CA THR A 215 15.92 -3.12 2.52
C THR A 215 15.11 -4.34 2.88
N ASP A 216 14.65 -4.32 4.11
CA ASP A 216 13.67 -5.36 4.56
C ASP A 216 12.35 -5.13 3.86
N PRO A 217 11.87 -6.09 3.04
CA PRO A 217 10.60 -5.93 2.28
C PRO A 217 9.34 -5.63 3.13
N ALA A 218 9.32 -6.02 4.40
CA ALA A 218 8.29 -5.56 5.33
C ALA A 218 8.28 -4.07 5.43
N VAL A 219 9.45 -3.40 5.41
CA VAL A 219 9.43 -1.94 5.40
C VAL A 219 8.80 -1.38 4.10
N THR A 220 9.16 -1.96 2.97
CA THR A 220 8.64 -1.54 1.68
C THR A 220 7.10 -1.68 1.53
N LEU A 221 6.59 -2.80 1.99
CA LEU A 221 5.16 -3.00 2.00
C LEU A 221 4.42 -2.03 2.93
N ALA A 222 4.95 -1.83 4.15
CA ALA A 222 4.41 -0.93 5.15
C ALA A 222 4.31 0.50 4.54
N HIS A 223 5.25 0.89 3.70
CA HIS A 223 5.28 2.21 3.02
C HIS A 223 4.09 2.39 2.12
N GLU A 224 3.84 1.34 1.32
CA GLU A 224 2.70 1.27 0.47
C GLU A 224 1.39 1.22 1.27
N LEU A 225 1.35 0.42 2.34
CA LEU A 225 0.18 0.48 3.23
C LEU A 225 -0.13 1.79 3.90
N ILE A 226 0.93 2.51 4.32
CA ILE A 226 0.79 3.88 4.81
C ILE A 226 0.12 4.79 3.73
N HIS A 227 0.59 4.69 2.50
CA HIS A 227 -0.10 5.46 1.39
C HIS A 227 -1.56 5.04 1.31
N ALA A 228 -1.80 3.70 1.47
CA ALA A 228 -3.10 3.19 1.29
C ALA A 228 -4.02 3.73 2.37
N GLY A 229 -3.49 3.83 3.60
CA GLY A 229 -4.24 4.36 4.74
C GLY A 229 -4.68 5.78 4.37
N HIS A 230 -3.77 6.60 3.90
CA HIS A 230 -4.14 7.97 3.52
C HIS A 230 -5.24 7.98 2.47
N ARG A 231 -5.14 7.08 1.52
CA ARG A 231 -6.04 7.09 0.40
C ARG A 231 -7.38 6.51 0.76
N LEU A 232 -7.40 5.56 1.69
CA LEU A 232 -8.66 5.05 2.22
C LEU A 232 -9.46 6.03 3.05
N TYR A 233 -8.78 6.96 3.75
CA TYR A 233 -9.43 7.96 4.52
C TYR A 233 -9.58 9.25 3.72
N GLY A 234 -9.16 9.22 2.47
CA GLY A 234 -9.43 10.35 1.54
C GLY A 234 -8.68 11.62 1.91
N ILE A 235 -7.49 11.43 2.44
CA ILE A 235 -6.65 12.53 2.87
C ILE A 235 -5.27 12.56 2.21
N ALA A 236 -5.10 11.90 1.08
CA ALA A 236 -3.83 11.91 0.39
C ALA A 236 -3.57 13.37 -0.03
N ILE A 237 -2.30 13.76 -0.09
CA ILE A 237 -1.95 15.09 -0.59
C ILE A 237 -1.79 15.01 -2.11
N ASN A 238 -2.41 15.95 -2.79
CA ASN A 238 -2.30 16.13 -4.25
C ASN A 238 -0.84 15.99 -4.66
N PRO A 239 -0.55 15.09 -5.59
CA PRO A 239 0.87 15.03 -5.92
C PRO A 239 1.50 16.30 -6.55
N ASN A 240 0.71 17.26 -7.03
CA ASN A 240 1.32 18.50 -7.48
C ASN A 240 1.95 19.31 -6.32
N ARG A 241 1.58 19.03 -5.06
CA ARG A 241 2.25 19.73 -3.92
C ARG A 241 3.64 19.07 -3.61
N VAL A 242 4.71 19.78 -3.96
CA VAL A 242 6.06 19.23 -3.99
C VAL A 242 6.96 20.13 -3.22
N PHE A 243 8.09 19.58 -2.78
CA PHE A 243 9.16 20.32 -2.14
C PHE A 243 10.31 20.30 -3.17
N LYS A 244 10.96 21.45 -3.33
CA LYS A 244 12.06 21.61 -4.30
C LYS A 244 13.30 21.11 -3.59
N VAL A 245 13.99 20.16 -4.17
CA VAL A 245 15.11 19.52 -3.47
C VAL A 245 16.39 20.39 -3.53
N ASN A 246 16.74 21.03 -2.40
CA ASN A 246 18.06 21.65 -2.20
C ASN A 246 18.38 21.90 -0.71
N MET A 253 20.53 19.60 -8.81
CA MET A 253 21.21 19.96 -10.05
C MET A 253 20.42 19.44 -11.27
N SER A 254 19.09 19.55 -11.22
CA SER A 254 18.26 18.96 -12.26
C SER A 254 16.74 19.19 -12.12
N GLY A 255 16.31 20.31 -11.53
CA GLY A 255 14.88 20.52 -11.15
C GLY A 255 14.24 19.38 -10.34
N LEU A 256 15.04 18.75 -9.48
CA LEU A 256 14.59 17.65 -8.60
C LEU A 256 13.55 18.09 -7.59
N GLU A 257 12.45 17.38 -7.54
CA GLU A 257 11.40 17.73 -6.58
C GLU A 257 10.94 16.44 -5.88
N VAL A 258 10.23 16.61 -4.78
CA VAL A 258 9.63 15.47 -4.12
C VAL A 258 8.26 15.83 -3.63
N SER A 259 7.27 14.98 -3.83
CA SER A 259 5.97 15.26 -3.24
C SER A 259 5.97 15.24 -1.69
N PHE A 260 5.16 16.15 -1.20
CA PHE A 260 4.76 16.19 0.14
C PHE A 260 4.15 14.87 0.60
N GLU A 261 3.32 14.22 -0.23
CA GLU A 261 2.67 12.98 0.14
C GLU A 261 3.83 11.96 0.51
N GLU A 262 4.92 11.96 -0.23
CA GLU A 262 6.07 11.03 0.03
C GLU A 262 6.89 11.30 1.28
N LEU A 263 7.22 12.58 1.49
CA LEU A 263 7.84 13.06 2.68
C LEU A 263 7.01 12.75 3.90
N ARG A 264 5.72 12.99 3.81
CA ARG A 264 4.84 12.65 4.92
C ARG A 264 4.90 11.12 5.29
N THR A 265 4.77 10.28 4.28
CA THR A 265 4.80 8.83 4.36
C THR A 265 6.14 8.34 4.94
N PHE A 266 7.24 8.96 4.57
CA PHE A 266 8.54 8.55 5.14
C PHE A 266 8.64 8.90 6.62
N GLY A 267 8.24 10.13 6.90
CA GLY A 267 8.32 10.74 8.17
C GLY A 267 9.69 11.22 8.57
N GLY A 268 10.03 11.09 9.87
CA GLY A 268 11.38 11.48 10.42
C GLY A 268 11.75 12.94 10.08
N HIS A 269 13.01 13.17 9.74
CA HIS A 269 13.48 14.50 9.39
C HIS A 269 12.84 15.00 8.12
N ASP A 270 12.54 14.10 7.20
CA ASP A 270 11.97 14.48 5.92
C ASP A 270 10.65 15.21 5.99
N ALA A 271 9.74 14.72 6.84
CA ALA A 271 8.40 15.32 7.07
C ALA A 271 8.51 16.79 7.49
N LYS A 272 9.56 17.14 8.20
CA LYS A 272 9.78 18.54 8.58
C LYS A 272 10.02 19.52 7.42
N PHE A 273 10.31 19.06 6.20
CA PHE A 273 10.46 19.95 5.06
C PHE A 273 9.13 20.48 4.55
N ILE A 274 8.02 19.92 5.03
CA ILE A 274 6.68 20.44 4.69
C ILE A 274 6.39 21.56 5.68
N ASP A 275 6.27 22.79 5.19
CA ASP A 275 6.21 23.93 6.10
C ASP A 275 4.87 23.95 6.84
N SER A 276 4.85 24.62 7.99
CA SER A 276 3.73 24.61 8.92
C SER A 276 2.44 25.26 8.41
N LEU A 277 2.53 26.29 7.57
CA LEU A 277 1.35 26.95 7.02
C LEU A 277 0.67 25.97 6.06
N GLN A 278 1.46 25.28 5.24
CA GLN A 278 0.85 24.34 4.31
C GLN A 278 0.21 23.15 5.04
N GLU A 279 0.86 22.64 6.07
CA GLU A 279 0.25 21.56 6.83
C GLU A 279 -1.06 21.99 7.44
N ASN A 280 -1.12 23.20 8.01
CA ASN A 280 -2.35 23.73 8.60
C ASN A 280 -3.41 23.85 7.57
N GLU A 281 -2.99 24.22 6.37
CA GLU A 281 -3.94 24.37 5.26
C GLU A 281 -4.55 22.99 4.87
N PHE A 282 -3.71 21.97 4.70
CA PHE A 282 -4.26 20.61 4.40
C PHE A 282 -5.16 20.08 5.49
N ARG A 283 -4.74 20.27 6.72
CA ARG A 283 -5.50 19.76 7.86
C ARG A 283 -6.88 20.39 7.95
N LEU A 284 -6.92 21.70 7.72
CA LEU A 284 -8.22 22.43 7.72
C LEU A 284 -9.11 21.88 6.59
N TYR A 285 -8.52 21.74 5.41
CA TYR A 285 -9.15 21.24 4.21
C TYR A 285 -9.79 19.86 4.43
N TYR A 286 -9.01 18.94 5.01
CA TYR A 286 -9.55 17.64 5.21
C TYR A 286 -10.57 17.59 6.31
N TYR A 287 -10.40 18.38 7.35
CA TYR A 287 -11.42 18.51 8.37
C TYR A 287 -12.79 19.01 7.78
N ASN A 288 -12.75 20.01 6.94
CA ASN A 288 -13.93 20.41 6.12
C ASN A 288 -14.57 19.25 5.27
N LYS A 289 -13.73 18.37 4.70
CA LYS A 289 -14.22 17.24 3.95
C LYS A 289 -14.93 16.29 4.82
N PHE A 290 -14.36 16.03 5.97
CA PHE A 290 -15.04 15.18 6.88
C PHE A 290 -16.40 15.79 7.32
N LYS A 291 -16.45 17.11 7.54
CA LYS A 291 -17.74 17.73 7.89
C LYS A 291 -18.76 17.51 6.77
N ASP A 292 -18.33 17.59 5.50
CA ASP A 292 -19.24 17.30 4.38
C ASP A 292 -19.74 15.85 4.41
N ILE A 293 -18.92 14.92 4.89
CA ILE A 293 -19.38 13.55 5.06
C ILE A 293 -20.42 13.41 6.19
N ALA A 294 -20.19 14.12 7.29
CA ALA A 294 -21.10 14.14 8.43
C ALA A 294 -22.48 14.68 7.99
N SER A 295 -22.49 15.71 7.14
CA SER A 295 -23.73 16.32 6.63
C SER A 295 -24.41 15.38 5.66
N THR A 296 -23.64 14.69 4.83
CA THR A 296 -24.21 13.71 3.88
C THR A 296 -24.87 12.58 4.63
N LEU A 297 -24.24 12.11 5.69
CA LEU A 297 -24.85 11.07 6.54
C LEU A 297 -26.13 11.55 7.24
N ASN A 298 -26.15 12.80 7.64
CA ASN A 298 -27.32 13.36 8.30
C ASN A 298 -28.54 13.40 7.34
N LYS A 299 -28.28 13.62 6.07
CA LYS A 299 -29.36 13.71 5.08
C LYS A 299 -29.80 12.35 4.54
N ALA A 300 -28.94 11.35 4.65
CA ALA A 300 -29.33 10.02 4.28
C ALA A 300 -30.49 9.54 5.16
N LYS A 301 -31.63 9.33 4.48
CA LYS A 301 -32.83 8.67 5.03
C LYS A 301 -32.97 7.22 4.53
N SER A 302 -32.56 6.99 3.28
CA SER A 302 -32.64 5.68 2.62
C SER A 302 -31.23 5.14 2.28
N ILE A 303 -31.14 3.80 2.14
CA ILE A 303 -29.94 3.10 1.66
C ILE A 303 -30.27 2.38 0.36
N VAL A 304 -29.27 2.00 -0.40
CA VAL A 304 -29.48 1.15 -1.59
C VAL A 304 -28.85 -0.23 -1.36
N GLY A 305 -29.51 -1.27 -1.90
CA GLY A 305 -29.13 -2.67 -1.62
C GLY A 305 -29.66 -3.15 -0.28
N THR A 306 -29.36 -4.41 0.05
CA THR A 306 -29.72 -5.01 1.35
C THR A 306 -28.67 -6.00 1.81
N THR A 307 -27.41 -5.60 1.66
CA THR A 307 -26.28 -6.24 2.33
C THR A 307 -26.10 -5.70 3.77
N ALA A 308 -26.65 -4.51 4.04
CA ALA A 308 -26.64 -3.94 5.39
C ALA A 308 -27.70 -2.85 5.54
N SER A 309 -28.14 -2.66 6.78
CA SER A 309 -29.10 -1.59 7.13
C SER A 309 -28.46 -0.17 7.15
N LEU A 310 -29.27 0.84 6.78
CA LEU A 310 -28.86 2.25 6.91
C LEU A 310 -28.13 2.56 8.23
N GLN A 311 -28.66 2.13 9.36
CA GLN A 311 -27.96 2.38 10.63
C GLN A 311 -26.71 1.54 10.85
N TYR A 312 -26.63 0.37 10.22
CA TYR A 312 -25.37 -0.40 10.23
C TYR A 312 -24.31 0.46 9.53
N MET A 313 -24.63 0.97 8.36
CA MET A 313 -23.66 1.75 7.56
C MET A 313 -23.30 3.11 8.21
N LYS A 314 -24.28 3.80 8.79
CA LYS A 314 -24.00 5.01 9.54
C LYS A 314 -23.07 4.72 10.70
N ASN A 315 -23.33 3.64 11.42
CA ASN A 315 -22.40 3.26 12.47
C ASN A 315 -21.00 2.98 11.94
N VAL A 316 -20.94 2.33 10.78
CA VAL A 316 -19.66 2.02 10.14
C VAL A 316 -18.85 3.30 9.87
N PHE A 317 -19.50 4.32 9.32
CA PHE A 317 -18.83 5.61 9.00
C PHE A 317 -18.56 6.50 10.21
N LYS A 318 -19.48 6.47 11.16
CA LYS A 318 -19.23 6.99 12.50
C LYS A 318 -17.98 6.41 13.06
N GLU A 319 -17.82 5.08 13.02
CA GLU A 319 -16.61 4.44 13.54
C GLU A 319 -15.40 4.83 12.69
N LYS A 320 -15.50 4.73 11.38
CA LYS A 320 -14.35 5.08 10.50
C LYS A 320 -13.80 6.46 10.76
N TYR A 321 -14.69 7.45 10.73
CA TYR A 321 -14.30 8.87 10.75
C TYR A 321 -14.29 9.46 12.17
N LEU A 322 -14.60 8.61 13.16
CA LEU A 322 -14.68 8.96 14.58
C LEU A 322 -15.60 10.16 14.90
N LEU A 323 -16.81 10.09 14.38
CA LEU A 323 -17.71 11.22 14.41
C LEU A 323 -18.43 11.26 15.75
N SER A 324 -18.83 12.45 16.18
CA SER A 324 -19.64 12.55 17.36
C SER A 324 -21.08 12.42 16.99
N GLU A 325 -21.84 11.76 17.87
CA GLU A 325 -23.30 11.61 17.71
C GLU A 325 -24.12 12.28 18.85
N ASP A 326 -24.97 13.25 18.52
CA ASP A 326 -25.72 14.00 19.54
C ASP A 326 -27.06 13.33 19.89
N THR A 327 -28.12 14.15 20.04
CA THR A 327 -29.48 13.73 20.41
C THR A 327 -30.24 13.08 19.25
N SER A 328 -30.30 13.82 18.14
CA SER A 328 -31.11 13.43 16.99
C SER A 328 -30.54 12.22 16.25
N GLY A 329 -29.33 11.80 16.63
CA GLY A 329 -28.53 10.94 15.80
C GLY A 329 -27.95 11.80 14.69
N LYS A 330 -27.74 13.06 15.01
CA LYS A 330 -27.09 14.00 14.11
C LYS A 330 -25.59 13.77 14.34
N PHE A 331 -24.85 13.70 13.23
CA PHE A 331 -23.42 13.49 13.30
C PHE A 331 -22.67 14.81 13.14
N SER A 332 -21.60 14.97 13.91
CA SER A 332 -20.72 16.11 13.75
C SER A 332 -19.27 15.60 13.82
N VAL A 333 -18.35 16.44 13.38
CA VAL A 333 -16.94 16.18 13.58
C VAL A 333 -16.38 17.00 14.77
N ASP A 334 -15.74 16.30 15.71
CA ASP A 334 -15.06 16.92 16.82
C ASP A 334 -13.63 17.17 16.37
N LYS A 335 -13.15 18.41 16.57
CA LYS A 335 -11.82 18.80 16.21
C LYS A 335 -10.78 17.92 16.90
N LEU A 336 -10.97 17.62 18.18
CA LEU A 336 -9.99 16.80 18.88
C LEU A 336 -9.86 15.43 18.30
N LYS A 337 -11.00 14.77 18.02
CA LYS A 337 -10.98 13.42 17.49
C LYS A 337 -10.50 13.46 16.03
N PHE A 338 -10.81 14.53 15.27
CA PHE A 338 -10.35 14.61 13.91
C PHE A 338 -8.84 14.71 13.90
N ASP A 339 -8.29 15.60 14.72
CA ASP A 339 -6.85 15.85 14.80
C ASP A 339 -6.08 14.57 15.23
N LYS A 340 -6.67 13.75 16.11
CA LYS A 340 -6.00 12.50 16.58
C LYS A 340 -5.96 11.46 15.48
N LEU A 341 -7.10 11.31 14.79
CA LEU A 341 -7.14 10.46 13.62
C LEU A 341 -6.21 10.92 12.51
N TYR A 342 -6.29 12.18 12.18
CA TYR A 342 -5.48 12.75 11.14
C TYR A 342 -4.02 12.53 11.42
N LYS A 343 -3.62 12.90 12.63
CA LYS A 343 -2.23 12.71 13.09
C LYS A 343 -1.78 11.22 13.20
N MET A 344 -2.66 10.36 13.67
CA MET A 344 -2.43 8.90 13.62
C MET A 344 -1.98 8.47 12.20
N LEU A 345 -2.82 8.76 11.22
CA LEU A 345 -2.63 8.36 9.82
C LEU A 345 -1.50 9.04 9.06
N THR A 346 -1.06 10.20 9.52
CA THR A 346 -0.01 10.91 8.87
C THR A 346 1.27 11.01 9.59
N GLU A 347 1.26 11.00 10.90
CA GLU A 347 2.49 11.16 11.65
C GLU A 347 2.90 9.93 12.42
N ILE A 348 1.95 9.15 12.93
CA ILE A 348 2.30 7.93 13.65
C ILE A 348 2.61 6.81 12.66
N TYR A 349 1.77 6.66 11.63
CA TYR A 349 2.09 5.72 10.61
C TYR A 349 3.06 6.23 9.55
N THR A 350 4.34 5.90 9.71
CA THR A 350 5.35 6.41 8.79
C THR A 350 6.42 5.35 8.64
N GLU A 351 7.07 5.34 7.48
CA GLU A 351 8.19 4.40 7.29
C GLU A 351 9.22 4.45 8.41
N ASP A 352 9.67 5.63 8.77
CA ASP A 352 10.67 5.80 9.78
C ASP A 352 10.25 5.13 11.10
N ASN A 353 8.96 5.20 11.44
CA ASN A 353 8.50 4.60 12.67
C ASN A 353 8.54 3.13 12.56
N PHE A 354 8.09 2.59 11.40
CA PHE A 354 8.20 1.20 11.15
C PHE A 354 9.58 0.61 11.33
N VAL A 355 10.60 1.35 10.90
CA VAL A 355 12.02 1.00 11.03
C VAL A 355 12.42 0.78 12.51
N LYS A 356 11.92 1.62 13.40
CA LYS A 356 12.15 1.40 14.83
C LYS A 356 11.48 0.15 15.38
N PHE A 357 10.28 -0.11 14.93
CA PHE A 357 9.60 -1.31 15.33
C PHE A 357 10.23 -2.59 14.86
N PHE A 358 10.77 -2.61 13.65
CA PHE A 358 11.29 -3.81 13.09
C PHE A 358 12.76 -4.02 13.50
N LYS A 359 13.41 -2.97 14.00
CA LYS A 359 14.80 -2.97 14.42
C LYS A 359 15.68 -3.33 13.28
N VAL A 360 15.47 -2.66 12.14
CA VAL A 360 16.22 -2.96 10.91
C VAL A 360 16.99 -1.72 10.46
N LEU A 361 17.95 -1.97 9.60
CA LEU A 361 18.69 -0.95 8.96
C LEU A 361 17.89 -0.53 7.74
N ASN A 362 17.85 0.76 7.50
CA ASN A 362 17.04 1.31 6.46
C ASN A 362 17.65 2.63 6.04
N ARG A 363 17.28 3.07 4.86
CA ARG A 363 17.66 4.41 4.44
C ARG A 363 17.19 5.38 5.50
N LYS A 364 17.94 6.44 5.68
CA LYS A 364 17.67 7.49 6.64
C LYS A 364 16.77 8.62 6.08
N THR A 365 16.60 8.63 4.77
CA THR A 365 15.82 9.70 4.03
C THR A 365 15.13 9.08 2.86
N TYR A 366 13.96 9.61 2.53
CA TYR A 366 13.32 9.25 1.27
C TYR A 366 14.16 9.74 0.10
N LEU A 367 14.98 10.72 0.33
CA LEU A 367 15.70 11.38 -0.81
C LEU A 367 17.03 10.73 -1.14
N ASN A 368 17.01 9.46 -1.41
CA ASN A 368 18.28 8.79 -1.65
C ASN A 368 18.32 8.18 -3.02
N PHE A 369 19.53 7.87 -3.48
CA PHE A 369 19.73 7.20 -4.74
C PHE A 369 19.90 5.71 -4.53
N ASP A 370 18.92 4.94 -5.01
CA ASP A 370 18.97 3.47 -4.97
C ASP A 370 20.20 2.93 -5.68
N LYS A 371 20.81 1.89 -5.12
CA LYS A 371 22.08 1.46 -5.58
C LYS A 371 21.91 0.23 -6.43
N ALA A 372 20.99 -0.66 -6.04
CA ALA A 372 20.87 -1.92 -6.69
C ALA A 372 19.57 -2.60 -6.36
N VAL A 373 19.28 -3.63 -7.12
CA VAL A 373 18.11 -4.46 -6.89
C VAL A 373 18.55 -5.90 -6.84
N PHE A 374 18.05 -6.62 -5.82
CA PHE A 374 18.41 -8.03 -5.51
C PHE A 374 17.21 -8.93 -5.55
N LYS A 375 17.44 -10.15 -6.02
CA LYS A 375 16.48 -11.21 -5.99
C LYS A 375 16.59 -11.84 -4.66
N ILE A 376 15.46 -12.13 -4.05
CA ILE A 376 15.43 -12.69 -2.66
C ILE A 376 14.37 -13.77 -2.59
N ASN A 377 14.42 -14.57 -1.53
CA ASN A 377 13.43 -15.60 -1.19
C ASN A 377 13.16 -15.61 0.29
N ILE A 378 12.12 -14.91 0.70
CA ILE A 378 11.79 -14.82 2.13
C ILE A 378 10.85 -15.92 2.67
N VAL A 379 10.40 -16.84 1.86
CA VAL A 379 9.45 -17.82 2.31
C VAL A 379 10.09 -18.87 3.27
N PRO A 380 11.26 -19.42 2.95
CA PRO A 380 11.89 -20.35 3.93
C PRO A 380 12.30 -19.67 5.27
N LYS A 381 11.92 -20.25 6.39
CA LYS A 381 12.31 -19.76 7.69
C LYS A 381 13.78 -19.74 7.92
N VAL A 382 14.54 -20.55 7.21
CA VAL A 382 15.98 -20.39 7.34
C VAL A 382 16.44 -19.07 6.71
N ASN A 383 15.61 -18.39 5.92
CA ASN A 383 16.03 -17.13 5.22
C ASN A 383 15.46 -15.92 5.96
N TYR A 384 14.24 -16.05 6.47
CA TYR A 384 13.49 -14.85 6.89
C TYR A 384 12.33 -15.22 7.77
N THR A 385 12.19 -14.58 8.91
CA THR A 385 11.09 -14.86 9.75
C THR A 385 10.25 -13.65 10.08
N ILE A 386 9.04 -13.94 10.52
CA ILE A 386 8.08 -12.95 11.04
C ILE A 386 8.68 -12.03 12.07
N TYR A 387 9.44 -12.60 12.99
CA TYR A 387 9.97 -11.91 14.13
C TYR A 387 11.22 -11.12 13.83
N ASP A 388 12.11 -11.65 12.99
CA ASP A 388 13.47 -11.06 12.87
C ASP A 388 13.78 -10.55 11.43
N GLY A 389 12.89 -10.80 10.49
CA GLY A 389 13.22 -10.58 9.09
C GLY A 389 14.41 -11.41 8.71
N PHE A 390 15.43 -10.81 8.11
CA PHE A 390 16.66 -11.52 7.81
C PHE A 390 17.65 -11.65 8.96
N ASN A 391 17.47 -10.83 10.03
CA ASN A 391 18.43 -10.79 11.11
C ASN A 391 18.17 -11.89 12.19
N LEU A 392 18.37 -13.13 11.84
CA LEU A 392 17.77 -14.22 12.62
C LEU A 392 18.43 -14.37 13.99
N ARG A 393 17.62 -14.32 15.03
CA ARG A 393 18.13 -14.45 16.40
C ARG A 393 18.99 -15.72 16.57
N ASN A 394 19.98 -15.60 17.44
CA ASN A 394 20.82 -16.76 17.82
C ASN A 394 21.52 -17.42 16.64
N THR A 395 21.86 -16.62 15.63
CA THR A 395 22.80 -16.96 14.56
C THR A 395 23.78 -15.78 14.41
N ASN A 396 24.77 -15.95 13.59
CA ASN A 396 25.64 -14.86 13.19
C ASN A 396 24.98 -13.64 12.46
N LEU A 397 23.70 -13.75 12.10
CA LEU A 397 22.98 -12.68 11.38
C LEU A 397 22.11 -11.82 12.30
N ALA A 398 22.03 -12.23 13.56
CA ALA A 398 21.27 -11.48 14.58
C ALA A 398 21.77 -10.08 14.87
N ALA A 399 23.08 -9.89 15.00
CA ALA A 399 23.60 -8.64 15.48
C ALA A 399 23.99 -7.74 14.32
N ASN A 400 24.11 -6.43 14.57
CA ASN A 400 24.69 -5.52 13.53
C ASN A 400 23.98 -5.58 12.16
N PHE A 401 22.73 -6.01 12.16
CA PHE A 401 21.93 -6.14 10.96
C PHE A 401 22.62 -7.03 9.94
N ASN A 402 23.35 -8.03 10.45
CA ASN A 402 24.13 -8.88 9.55
C ASN A 402 23.33 -9.62 8.54
N GLY A 403 22.12 -10.01 8.91
CA GLY A 403 21.23 -10.59 7.95
C GLY A 403 20.86 -9.68 6.72
N GLN A 404 20.95 -8.36 6.85
CA GLN A 404 20.64 -7.44 5.70
C GLN A 404 21.89 -7.08 4.92
N ASN A 405 23.02 -7.51 5.46
CA ASN A 405 24.30 -7.23 4.91
C ASN A 405 24.50 -8.25 3.80
N THR A 406 24.46 -7.79 2.53
CA THR A 406 24.48 -8.70 1.37
C THR A 406 25.87 -9.27 1.17
N GLU A 407 26.85 -8.65 1.82
CA GLU A 407 28.20 -9.22 1.75
C GLU A 407 28.41 -10.35 2.77
N ILE A 408 27.73 -10.34 3.88
CA ILE A 408 27.84 -11.41 4.84
C ILE A 408 26.79 -12.50 4.56
N ASN A 409 25.55 -12.09 4.36
CA ASN A 409 24.41 -12.99 4.13
C ASN A 409 24.23 -13.20 2.63
N ASN A 410 25.33 -13.46 1.95
CA ASN A 410 25.35 -13.39 0.51
C ASN A 410 24.49 -14.43 -0.20
N MET A 411 24.20 -15.55 0.42
CA MET A 411 23.36 -16.55 -0.22
C MET A 411 21.84 -16.16 -0.28
N ASN A 412 21.43 -15.18 0.49
CA ASN A 412 20.06 -14.71 0.41
C ASN A 412 19.82 -13.58 -0.57
N PHE A 413 20.89 -13.14 -1.23
CA PHE A 413 20.75 -12.03 -2.16
C PHE A 413 21.49 -12.25 -3.42
N THR A 414 20.79 -12.15 -4.55
CA THR A 414 21.45 -12.11 -5.85
C THR A 414 21.25 -10.77 -6.55
N LYS A 415 22.34 -10.09 -6.82
CA LYS A 415 22.28 -8.80 -7.41
C LYS A 415 21.91 -8.90 -8.87
N LEU A 416 20.87 -8.18 -9.24
CA LEU A 416 20.36 -8.29 -10.57
C LEU A 416 20.77 -7.12 -11.43
N LYS A 417 20.84 -5.94 -10.85
CA LYS A 417 21.19 -4.72 -11.61
C LYS A 417 21.80 -3.67 -10.67
N ASN A 418 22.86 -2.98 -11.11
CA ASN A 418 23.39 -1.80 -10.44
C ASN A 418 22.80 -0.56 -11.06
N PHE A 419 22.40 0.38 -10.23
CA PHE A 419 21.86 1.63 -10.71
C PHE A 419 22.89 2.74 -10.59
N THR A 420 23.91 2.55 -9.76
CA THR A 420 24.84 3.65 -9.50
C THR A 420 25.59 4.03 -10.79
N GLY A 421 25.77 5.31 -11.03
CA GLY A 421 26.37 5.75 -12.30
C GLY A 421 25.36 6.03 -13.41
N LEU A 422 24.35 5.18 -13.53
CA LEU A 422 23.37 5.32 -14.59
C LEU A 422 22.47 6.55 -14.43
N PHE A 423 22.62 7.35 -13.37
CA PHE A 423 21.71 8.49 -13.17
C PHE A 423 22.05 9.74 -14.04
N CYS B 1 2.30 7.40 -9.54
CA CYS B 1 3.68 7.34 -9.14
C CYS B 1 3.82 6.88 -7.70
N ARG B 3 8.32 5.50 -4.22
CA ARG B 3 9.78 5.64 -4.64
C ARG B 3 10.34 6.88 -5.41
N TRP B 4 11.22 7.65 -4.76
CA TRP B 4 11.73 8.97 -5.27
C TRP B 4 12.34 8.96 -6.66
N THR B 5 13.32 8.06 -6.86
CA THR B 5 14.04 7.94 -8.15
C THR B 5 13.18 7.37 -9.26
N LYS B 6 12.00 6.87 -8.94
CA LYS B 6 11.11 6.39 -10.01
C LYS B 6 10.12 7.50 -10.44
N CYS B 7 10.10 8.60 -9.69
CA CYS B 7 9.11 9.68 -9.87
C CYS B 7 9.82 10.98 -10.13
N LEU B 8 10.99 10.92 -10.76
CA LEU B 8 11.90 12.05 -10.67
C LEU B 8 11.56 13.21 -11.61
#